data_2RE2
#
_entry.id   2RE2
#
_cell.length_a   36.381
_cell.length_b   36.555
_cell.length_c   51.641
_cell.angle_alpha   72.030
_cell.angle_beta   71.810
_cell.angle_gamma   87.250
#
_symmetry.space_group_name_H-M   'P 1'
#
loop_
_entity.id
_entity.type
_entity.pdbx_description
1 polymer 'Uncharacterized protein Ta1041'
2 water water
#
_entity_poly.entity_id   1
_entity_poly.type   'polypeptide(L)'
_entity_poly.pdbx_seq_one_letter_code
;(MSE)GSDKIHHHHHHENLYFQG(MSE)KFAVAVSGDRVNGPGESEEVQIYETDGGNVRLIEKYSNPALNATAARGVF
(MSE)LKSALDHGANALVLSEIGSPGFNFIKNK(MSE)DVYIVPE(MSE)PVADALKLILEGKVSPATAPTHDHGHHH
;
_entity_poly.pdbx_strand_id   A,B
#
# COMPACT_ATOMS: atom_id res chain seq x y z
N TYR A 16 18.10 4.54 10.55
CA TYR A 16 17.57 3.20 10.17
C TYR A 16 18.03 2.78 8.78
N PHE A 17 17.83 3.67 7.80
CA PHE A 17 18.05 3.33 6.39
C PHE A 17 19.46 3.58 5.85
N GLN A 18 20.34 4.17 6.66
CA GLN A 18 21.66 4.48 6.17
C GLN A 18 22.41 3.21 5.68
N GLY A 19 22.92 3.31 4.45
CA GLY A 19 23.68 2.23 3.86
C GLY A 19 22.86 1.17 3.18
N MSE A 20 21.55 1.18 3.34
CA MSE A 20 20.78 0.08 2.78
CA MSE A 20 20.69 0.13 2.79
C MSE A 20 20.64 0.16 1.27
O MSE A 20 20.69 1.22 0.66
CB MSE A 20 19.43 -0.04 3.46
CB MSE A 20 19.30 0.26 3.37
CG MSE A 20 19.54 -0.84 4.73
CG MSE A 20 19.27 0.02 4.87
SE MSE A 20 17.91 -0.82 5.67
SE MSE A 20 17.47 0.02 5.53
CE MSE A 20 16.66 -0.73 4.04
CE MSE A 20 16.88 -1.61 4.60
N LYS A 21 20.52 -1.03 0.70
CA LYS A 21 20.32 -1.17 -0.72
C LYS A 21 18.90 -1.70 -0.95
N PHE A 22 18.18 -1.00 -1.81
CA PHE A 22 16.82 -1.39 -2.18
C PHE A 22 16.75 -1.96 -3.58
N ALA A 23 16.14 -3.12 -3.73
CA ALA A 23 15.82 -3.70 -5.08
C ALA A 23 14.40 -3.35 -5.41
N VAL A 24 14.21 -2.62 -6.48
CA VAL A 24 12.90 -2.16 -6.93
C VAL A 24 12.53 -2.86 -8.21
N ALA A 25 11.29 -3.38 -8.29
CA ALA A 25 10.79 -3.98 -9.51
C ALA A 25 10.13 -2.84 -10.28
N VAL A 26 10.59 -2.54 -11.51
CA VAL A 26 10.24 -1.33 -12.26
C VAL A 26 9.82 -1.64 -13.68
N SER A 27 8.75 -0.96 -14.10
CA SER A 27 8.44 -0.83 -15.53
C SER A 27 8.14 0.62 -15.83
N GLY A 28 8.80 1.21 -16.82
CA GLY A 28 8.51 2.63 -17.17
C GLY A 28 8.62 3.62 -16.00
N ASP A 29 9.68 3.47 -15.22
CA ASP A 29 9.99 4.25 -14.03
C ASP A 29 8.88 4.22 -13.00
N ARG A 30 8.04 3.18 -13.01
CA ARG A 30 7.03 3.03 -11.95
C ARG A 30 7.29 1.69 -11.25
N VAL A 31 6.98 1.64 -9.98
CA VAL A 31 7.09 0.39 -9.20
C VAL A 31 6.00 -0.55 -9.65
N ASN A 32 6.37 -1.78 -10.00
CA ASN A 32 5.46 -2.80 -10.45
C ASN A 32 5.76 -4.09 -9.68
N GLY A 33 5.24 -5.21 -10.15
CA GLY A 33 5.29 -6.43 -9.38
C GLY A 33 6.53 -7.27 -9.70
N PRO A 34 6.91 -8.15 -8.80
CA PRO A 34 8.18 -8.89 -8.97
C PRO A 34 8.18 -9.79 -10.17
N GLY A 35 7.07 -10.46 -10.48
CA GLY A 35 7.10 -11.37 -11.61
C GLY A 35 6.97 -10.76 -12.99
N GLU A 36 6.49 -9.52 -13.09
CA GLU A 36 6.19 -8.94 -14.36
C GLU A 36 6.91 -7.67 -14.72
N SER A 37 7.64 -7.08 -13.77
N SER A 37 7.62 -7.07 -13.77
CA SER A 37 8.31 -5.84 -14.07
CA SER A 37 8.31 -5.82 -14.06
C SER A 37 9.38 -6.07 -15.14
C SER A 37 9.43 -6.03 -15.06
N GLU A 38 9.64 -5.02 -15.90
CA GLU A 38 10.65 -5.09 -16.93
C GLU A 38 12.07 -5.18 -16.37
N GLU A 39 12.35 -4.48 -15.29
CA GLU A 39 13.71 -4.31 -14.76
C GLU A 39 13.75 -4.47 -13.28
N VAL A 40 14.92 -4.81 -12.77
CA VAL A 40 15.27 -4.67 -11.40
C VAL A 40 16.22 -3.50 -11.31
N GLN A 41 15.95 -2.54 -10.43
CA GLN A 41 16.80 -1.38 -10.18
C GLN A 41 17.25 -1.43 -8.74
N ILE A 42 18.55 -1.30 -8.51
CA ILE A 42 19.14 -1.34 -7.19
C ILE A 42 19.65 0.03 -6.81
N TYR A 43 19.12 0.55 -5.70
CA TYR A 43 19.45 1.86 -5.19
C TYR A 43 20.14 1.74 -3.85
N GLU A 44 21.12 2.57 -3.62
CA GLU A 44 21.80 2.66 -2.36
C GLU A 44 21.46 4.02 -1.72
N THR A 45 21.35 4.07 -0.39
CA THR A 45 20.99 5.32 0.29
C THR A 45 21.79 5.53 1.55
N ASP A 46 21.94 6.80 1.94
CA ASP A 46 22.44 7.15 3.26
C ASP A 46 21.30 7.57 4.19
N GLY A 47 20.06 7.33 3.77
CA GLY A 47 18.88 7.74 4.51
C GLY A 47 18.12 8.91 3.89
N GLY A 48 18.81 9.64 3.04
CA GLY A 48 18.23 10.81 2.36
C GLY A 48 18.62 10.92 0.90
N ASN A 49 19.91 10.86 0.66
CA ASN A 49 20.42 10.76 -0.69
C ASN A 49 20.24 9.33 -1.17
N VAL A 50 19.88 9.20 -2.44
CA VAL A 50 19.70 7.87 -3.07
C VAL A 50 20.46 7.85 -4.37
N ARG A 51 21.07 6.72 -4.70
CA ARG A 51 21.82 6.59 -5.96
C ARG A 51 21.46 5.26 -6.61
N LEU A 52 21.22 5.28 -7.91
CA LEU A 52 21.07 4.03 -8.70
C LEU A 52 22.42 3.42 -8.89
N ILE A 53 22.65 2.23 -8.35
CA ILE A 53 23.95 1.57 -8.50
C ILE A 53 23.92 0.42 -9.49
N GLU A 54 22.77 -0.12 -9.84
CA GLU A 54 22.71 -1.19 -10.83
C GLU A 54 21.32 -1.28 -11.37
N LYS A 55 21.19 -1.67 -12.63
N LYS A 55 21.20 -1.63 -12.65
CA LYS A 55 19.88 -2.07 -13.12
CA LYS A 55 19.89 -1.93 -13.25
C LYS A 55 20.05 -3.07 -14.22
C LYS A 55 20.05 -3.05 -14.26
N TYR A 56 19.07 -3.95 -14.33
CA TYR A 56 19.14 -5.05 -15.28
C TYR A 56 17.76 -5.57 -15.62
N SER A 57 17.63 -6.22 -16.76
CA SER A 57 16.37 -6.83 -17.16
CA SER A 57 16.36 -6.82 -17.15
C SER A 57 15.94 -7.87 -16.13
N ASN A 58 14.68 -7.85 -15.80
CA ASN A 58 14.19 -8.74 -14.71
C ASN A 58 14.30 -10.21 -15.12
N PRO A 59 15.10 -11.00 -14.39
CA PRO A 59 15.20 -12.43 -14.77
C PRO A 59 13.87 -13.19 -14.68
N ALA A 60 12.92 -12.71 -13.90
CA ALA A 60 11.62 -13.33 -13.80
C ALA A 60 11.02 -13.53 -15.16
N LEU A 61 11.28 -12.60 -16.09
CA LEU A 61 10.61 -12.63 -17.39
C LEU A 61 11.01 -13.87 -18.18
N ASN A 62 12.16 -14.48 -17.87
CA ASN A 62 12.62 -15.68 -18.56
C ASN A 62 12.12 -16.93 -17.86
N ALA A 63 11.60 -16.85 -16.64
CA ALA A 63 11.08 -18.03 -15.91
C ALA A 63 9.70 -18.40 -16.50
N THR A 64 9.45 -19.69 -16.56
CA THR A 64 8.12 -20.22 -16.92
C THR A 64 7.17 -20.15 -15.73
N ALA A 65 7.68 -20.42 -14.55
CA ALA A 65 6.89 -20.53 -13.34
C ALA A 65 7.60 -19.78 -12.22
N ALA A 66 6.84 -19.48 -11.17
CA ALA A 66 7.38 -18.92 -9.95
C ALA A 66 8.15 -17.65 -10.24
N ARG A 67 7.59 -16.86 -11.15
CA ARG A 67 8.30 -15.66 -11.62
C ARG A 67 8.63 -14.68 -10.50
N GLY A 68 7.74 -14.43 -9.60
CA GLY A 68 8.01 -13.52 -8.48
C GLY A 68 9.15 -14.02 -7.64
N VAL A 69 9.14 -15.31 -7.27
CA VAL A 69 10.21 -15.88 -6.52
C VAL A 69 11.53 -15.65 -7.21
N PHE A 70 11.59 -15.86 -8.52
CA PHE A 70 12.85 -15.75 -9.23
C PHE A 70 13.33 -14.31 -9.33
N MSE A 71 12.45 -13.30 -9.36
CA MSE A 71 12.92 -11.90 -9.22
C MSE A 71 13.52 -11.72 -7.83
O MSE A 71 14.57 -11.09 -7.67
CB MSE A 71 11.78 -10.93 -9.47
CG MSE A 71 12.19 -9.47 -9.34
SE MSE A 71 11.93 -8.72 -7.55
CE MSE A 71 13.02 -7.19 -7.66
N LEU A 72 12.85 -12.22 -6.82
CA LEU A 72 13.29 -12.04 -5.43
C LEU A 72 14.64 -12.72 -5.24
N LYS A 73 14.84 -13.88 -5.84
CA LYS A 73 16.13 -14.59 -5.75
C LYS A 73 17.23 -13.73 -6.42
N SER A 74 16.88 -13.09 -7.52
N SER A 74 16.90 -13.04 -7.51
CA SER A 74 17.81 -12.22 -8.17
CA SER A 74 17.87 -12.18 -8.18
C SER A 74 18.20 -11.05 -7.25
C SER A 74 18.20 -10.97 -7.28
N ALA A 75 17.21 -10.44 -6.60
CA ALA A 75 17.49 -9.37 -5.63
C ALA A 75 18.46 -9.80 -4.53
N LEU A 76 18.22 -10.98 -4.02
CA LEU A 76 19.13 -11.59 -3.03
C LEU A 76 20.52 -11.76 -3.61
N ASP A 77 20.64 -12.33 -4.82
CA ASP A 77 21.95 -12.50 -5.52
C ASP A 77 22.67 -11.20 -5.61
N HIS A 78 21.94 -10.11 -5.80
CA HIS A 78 22.47 -8.79 -6.04
C HIS A 78 22.69 -8.00 -4.74
N GLY A 79 22.57 -8.66 -3.60
CA GLY A 79 22.92 -8.00 -2.33
C GLY A 79 21.93 -6.97 -1.78
N ALA A 80 20.70 -6.93 -2.31
CA ALA A 80 19.72 -6.03 -1.77
C ALA A 80 19.42 -6.33 -0.32
N ASN A 81 19.08 -5.32 0.44
CA ASN A 81 18.62 -5.46 1.84
C ASN A 81 17.11 -5.31 2.01
N ALA A 82 16.43 -4.73 1.04
CA ALA A 82 15.01 -4.52 1.11
C ALA A 82 14.48 -4.54 -0.30
N LEU A 83 13.20 -4.85 -0.44
CA LEU A 83 12.48 -4.88 -1.71
CA LEU A 83 12.46 -4.91 -1.72
C LEU A 83 11.42 -3.80 -1.75
N VAL A 84 11.20 -3.24 -2.96
CA VAL A 84 10.14 -2.24 -3.21
C VAL A 84 9.32 -2.78 -4.36
N LEU A 85 8.08 -3.10 -4.09
CA LEU A 85 7.19 -3.83 -5.05
C LEU A 85 5.82 -3.24 -4.98
N SER A 86 5.00 -3.48 -6.00
CA SER A 86 3.58 -3.13 -5.94
C SER A 86 2.68 -4.25 -5.40
N GLU A 87 3.23 -5.43 -5.17
N GLU A 87 3.20 -5.47 -5.29
CA GLU A 87 2.46 -6.63 -4.78
CA GLU A 87 2.46 -6.65 -4.79
C GLU A 87 3.47 -7.72 -4.43
C GLU A 87 3.47 -7.73 -4.45
N ILE A 88 3.01 -8.74 -3.71
CA ILE A 88 3.84 -9.93 -3.49
C ILE A 88 2.89 -11.05 -3.15
N GLY A 89 3.14 -12.23 -3.73
CA GLY A 89 2.34 -13.39 -3.47
C GLY A 89 2.90 -14.20 -2.30
N SER A 90 2.18 -15.26 -1.94
CA SER A 90 2.58 -16.10 -0.80
C SER A 90 3.91 -16.83 -1.02
N PRO A 91 4.13 -17.48 -2.18
CA PRO A 91 5.43 -18.14 -2.35
C PRO A 91 6.58 -17.12 -2.22
N GLY A 92 6.45 -15.97 -2.87
CA GLY A 92 7.51 -14.98 -2.80
C GLY A 92 7.70 -14.43 -1.39
N PHE A 93 6.63 -14.11 -0.68
CA PHE A 93 6.75 -13.63 0.69
C PHE A 93 7.41 -14.68 1.59
N ASN A 94 7.00 -15.93 1.48
CA ASN A 94 7.66 -16.99 2.27
C ASN A 94 9.12 -17.17 1.94
N PHE A 95 9.49 -16.98 0.67
CA PHE A 95 10.89 -17.06 0.25
C PHE A 95 11.75 -16.00 0.92
N ILE A 96 11.28 -14.77 0.94
CA ILE A 96 12.08 -13.63 1.33
C ILE A 96 11.90 -13.17 2.77
N LYS A 97 10.80 -13.51 3.43
CA LYS A 97 10.40 -12.73 4.62
C LYS A 97 11.42 -12.62 5.80
N ASN A 98 12.20 -13.69 6.02
CA ASN A 98 13.25 -13.67 7.02
C ASN A 98 14.60 -13.19 6.50
N LYS A 99 14.68 -12.77 5.23
CA LYS A 99 15.93 -12.35 4.62
C LYS A 99 16.02 -10.86 4.35
N MSE A 100 14.86 -10.26 4.05
CA MSE A 100 14.82 -8.84 4.09
C MSE A 100 13.43 -8.31 4.09
O MSE A 100 12.49 -9.07 3.87
CB MSE A 100 15.46 -8.33 2.87
CG MSE A 100 14.96 -8.91 1.62
SE MSE A 100 16.51 -8.35 0.63
CE MSE A 100 16.53 -9.40 -0.89
N ASP A 101 13.35 -7.02 4.27
CA ASP A 101 12.04 -6.40 4.36
C ASP A 101 11.47 -6.14 2.99
N VAL A 102 10.15 -6.21 2.90
CA VAL A 102 9.41 -5.90 1.71
C VAL A 102 8.53 -4.70 1.95
N TYR A 103 8.67 -3.69 1.12
CA TYR A 103 7.82 -2.49 1.17
C TYR A 103 6.89 -2.50 -0.06
N ILE A 104 5.59 -2.62 0.19
CA ILE A 104 4.57 -2.61 -0.82
C ILE A 104 4.09 -1.20 -0.95
N VAL A 105 4.18 -0.72 -2.18
CA VAL A 105 3.78 0.66 -2.56
C VAL A 105 2.83 0.70 -3.74
N PRO A 106 2.08 1.79 -3.90
CA PRO A 106 1.34 2.04 -5.13
C PRO A 106 2.25 2.00 -6.35
N GLU A 107 1.65 1.78 -7.51
CA GLU A 107 2.37 1.75 -8.80
C GLU A 107 2.73 3.17 -9.14
N MSE A 108 3.77 3.69 -8.57
CA MSE A 108 4.12 5.11 -8.60
C MSE A 108 5.59 5.29 -9.01
O MSE A 108 6.37 4.36 -8.99
CB MSE A 108 3.83 5.74 -7.26
CG MSE A 108 4.79 5.25 -6.17
SE MSE A 108 4.21 5.71 -4.38
CE MSE A 108 4.08 7.53 -4.54
N PRO A 109 6.01 6.52 -9.36
CA PRO A 109 7.40 6.77 -9.67
C PRO A 109 8.36 6.31 -8.57
N VAL A 110 9.49 5.74 -8.97
CA VAL A 110 10.41 5.09 -8.07
C VAL A 110 10.86 6.07 -6.99
N ALA A 111 11.25 7.29 -7.36
CA ALA A 111 11.78 8.22 -6.38
C ALA A 111 10.70 8.56 -5.37
N ASP A 112 9.45 8.74 -5.82
CA ASP A 112 8.38 9.07 -4.91
C ASP A 112 8.11 7.97 -3.90
N ALA A 113 8.21 6.71 -4.34
CA ALA A 113 8.03 5.57 -3.46
C ALA A 113 9.15 5.51 -2.44
N LEU A 114 10.41 5.69 -2.92
CA LEU A 114 11.53 5.60 -2.02
C LEU A 114 11.49 6.72 -0.97
N LYS A 115 10.98 7.89 -1.33
CA LYS A 115 10.83 8.98 -0.39
C LYS A 115 9.89 8.58 0.76
N LEU A 116 8.74 8.01 0.43
CA LEU A 116 7.80 7.59 1.43
C LEU A 116 8.38 6.52 2.33
N ILE A 117 9.07 5.55 1.73
CA ILE A 117 9.70 4.50 2.52
C ILE A 117 10.74 5.05 3.49
N LEU A 118 11.63 5.87 2.98
CA LEU A 118 12.74 6.40 3.79
C LEU A 118 12.23 7.33 4.89
N GLU A 119 11.05 7.91 4.70
CA GLU A 119 10.46 8.80 5.70
C GLU A 119 9.53 8.08 6.66
N GLY A 120 9.54 6.76 6.62
CA GLY A 120 8.82 5.95 7.59
C GLY A 120 7.33 5.81 7.35
N LYS A 121 6.87 6.12 6.14
N LYS A 121 6.87 6.09 6.15
CA LYS A 121 5.43 6.16 5.78
CA LYS A 121 5.45 6.13 5.86
C LYS A 121 4.89 4.84 5.20
C LYS A 121 4.87 4.84 5.30
N VAL A 122 5.73 3.84 5.13
CA VAL A 122 5.39 2.51 4.59
C VAL A 122 5.98 1.45 5.48
N SER A 123 5.19 0.81 6.33
N SER A 123 5.15 0.75 6.22
CA SER A 123 5.77 -0.22 7.18
CA SER A 123 5.66 -0.28 7.11
C SER A 123 6.00 -1.49 6.39
C SER A 123 6.03 -1.52 6.30
N PRO A 124 7.05 -2.27 6.73
CA PRO A 124 7.35 -3.53 6.05
C PRO A 124 6.15 -4.45 6.03
N ALA A 125 5.94 -5.19 4.96
CA ALA A 125 4.82 -6.08 4.88
C ALA A 125 5.01 -7.25 5.83
N THR A 126 3.94 -7.68 6.46
CA THR A 126 3.92 -8.83 7.35
C THR A 126 3.13 -10.02 6.76
N ALA A 127 2.61 -9.83 5.56
CA ALA A 127 1.81 -10.81 4.86
C ALA A 127 1.89 -10.50 3.38
N PRO A 128 1.64 -11.51 2.56
CA PRO A 128 1.56 -11.24 1.14
C PRO A 128 0.31 -10.46 0.80
N THR A 129 0.34 -9.76 -0.32
CA THR A 129 -0.83 -9.02 -0.77
C THR A 129 -1.84 -9.87 -1.52
N HIS A 130 -1.39 -10.99 -2.08
CA HIS A 130 -2.32 -12.00 -2.62
C HIS A 130 -1.83 -13.38 -2.21
N ASP A 131 -2.76 -14.31 -1.95
CA ASP A 131 -2.44 -15.68 -1.49
C ASP A 131 -3.45 -16.70 -2.00
N HIS A 132 -2.94 -17.64 -2.79
CA HIS A 132 -3.74 -18.72 -3.38
C HIS A 132 -3.16 -20.06 -3.00
N GLY A 133 -2.39 -20.10 -1.90
CA GLY A 133 -1.79 -21.35 -1.43
C GLY A 133 -2.83 -22.15 -0.70
N ASN B 14 -22.02 2.64 -12.56
CA ASN B 14 -20.93 3.65 -12.47
C ASN B 14 -21.25 4.62 -11.35
N LEU B 15 -20.56 4.43 -10.23
CA LEU B 15 -20.70 5.30 -9.05
C LEU B 15 -20.20 6.74 -9.30
N TYR B 16 -19.27 6.89 -10.19
CA TYR B 16 -18.75 8.23 -10.50
C TYR B 16 -19.82 9.18 -11.09
N PHE B 17 -20.85 8.68 -11.78
CA PHE B 17 -21.83 9.57 -12.39
C PHE B 17 -22.51 10.43 -11.32
N GLN B 18 -23.10 9.78 -10.31
CA GLN B 18 -23.74 10.51 -9.22
C GLN B 18 -22.70 10.96 -8.20
N GLY B 19 -21.60 10.23 -8.11
CA GLY B 19 -20.51 10.57 -7.20
C GLY B 19 -20.22 9.40 -6.29
N MSE B 20 -18.96 9.03 -6.26
CA MSE B 20 -18.50 7.89 -5.45
C MSE B 20 -17.87 8.42 -4.23
O MSE B 20 -17.16 9.40 -4.28
CB MSE B 20 -17.52 7.08 -6.23
CG MSE B 20 -17.02 5.87 -5.52
SE MSE B 20 -15.85 4.83 -6.58
CE MSE B 20 -15.46 3.49 -5.23
N LYS B 21 -18.19 7.79 -3.09
CA LYS B 21 -17.76 8.32 -1.81
C LYS B 21 -16.64 7.46 -1.22
N PHE B 22 -15.58 8.13 -0.80
CA PHE B 22 -14.46 7.51 -0.14
C PHE B 22 -14.42 7.98 1.31
N ALA B 23 -14.28 7.06 2.26
CA ALA B 23 -14.05 7.41 3.66
C ALA B 23 -12.56 7.18 3.91
N VAL B 24 -11.91 8.23 4.40
CA VAL B 24 -10.47 8.24 4.66
C VAL B 24 -10.25 8.42 6.14
N ALA B 25 -9.41 7.57 6.70
CA ALA B 25 -9.01 7.73 8.09
C ALA B 25 -7.81 8.69 8.13
N VAL B 26 -7.91 9.83 8.81
CA VAL B 26 -6.96 10.92 8.70
C VAL B 26 -6.49 11.44 10.04
N SER B 27 -5.18 11.69 10.16
CA SER B 27 -4.63 12.49 11.24
C SER B 27 -3.69 13.50 10.62
N GLY B 28 -3.81 14.78 10.95
CA GLY B 28 -2.84 15.74 10.42
C GLY B 28 -2.69 15.75 8.90
N ASP B 29 -3.81 15.68 8.24
CA ASP B 29 -3.89 15.67 6.79
C ASP B 29 -3.15 14.53 6.11
N ARG B 30 -2.91 13.44 6.85
CA ARG B 30 -2.26 12.24 6.29
C ARG B 30 -3.18 11.06 6.53
N VAL B 31 -3.18 10.12 5.59
CA VAL B 31 -3.92 8.89 5.76
C VAL B 31 -3.29 8.07 6.90
N ASN B 32 -4.12 7.61 7.85
CA ASN B 32 -3.62 6.78 8.94
C ASN B 32 -4.57 5.61 9.08
N GLY B 33 -4.54 4.94 10.23
CA GLY B 33 -5.27 3.69 10.39
C GLY B 33 -6.68 3.87 10.96
N PRO B 34 -7.52 2.88 10.73
CA PRO B 34 -8.92 3.00 11.20
C PRO B 34 -9.06 3.05 12.71
N GLY B 35 -8.19 2.37 13.45
CA GLY B 35 -8.31 2.33 14.88
C GLY B 35 -7.76 3.52 15.64
N GLU B 36 -6.93 4.35 14.98
CA GLU B 36 -6.21 5.40 15.66
C GLU B 36 -6.27 6.79 15.05
N SER B 37 -6.82 6.92 13.83
CA SER B 37 -6.87 8.22 13.20
CA SER B 37 -6.87 8.23 13.19
C SER B 37 -7.78 9.18 13.96
N GLU B 38 -7.46 10.48 13.93
CA GLU B 38 -8.26 11.49 14.64
C GLU B 38 -9.66 11.64 14.06
N GLU B 39 -9.75 11.61 12.74
N GLU B 39 -9.71 11.53 12.74
CA GLU B 39 -11.03 11.86 12.10
CA GLU B 39 -10.91 11.88 11.97
C GLU B 39 -11.24 10.99 10.88
C GLU B 39 -11.24 10.86 10.89
N VAL B 40 -12.50 10.90 10.46
CA VAL B 40 -12.91 10.30 9.23
C VAL B 40 -13.32 11.43 8.30
N GLN B 41 -12.80 11.46 7.08
CA GLN B 41 -13.13 12.45 6.06
C GLN B 41 -13.84 11.73 4.93
N ILE B 42 -14.97 12.23 4.51
CA ILE B 42 -15.73 11.64 3.41
C ILE B 42 -15.60 12.57 2.20
N TYR B 43 -15.10 11.99 1.12
CA TYR B 43 -14.92 12.69 -0.13
C TYR B 43 -15.83 12.07 -1.15
N GLU B 44 -16.30 12.88 -2.07
CA GLU B 44 -17.08 12.43 -3.20
CA GLU B 44 -17.07 12.42 -3.20
C GLU B 44 -16.32 12.80 -4.49
N THR B 45 -16.35 11.90 -5.47
CA THR B 45 -15.66 12.14 -6.74
C THR B 45 -16.46 11.71 -7.94
N ASP B 46 -16.21 12.41 -9.03
CA ASP B 46 -16.70 12.05 -10.36
C ASP B 46 -15.68 11.22 -11.16
N GLY B 47 -14.58 10.82 -10.51
CA GLY B 47 -13.48 10.11 -11.13
C GLY B 47 -12.26 11.02 -11.30
N GLY B 48 -12.46 12.33 -11.27
CA GLY B 48 -11.33 13.26 -11.39
C GLY B 48 -11.39 14.38 -10.36
N ASN B 49 -12.50 15.08 -10.29
CA ASN B 49 -12.74 16.08 -9.28
C ASN B 49 -13.10 15.40 -7.98
N VAL B 50 -12.61 15.98 -6.90
CA VAL B 50 -12.88 15.44 -5.57
C VAL B 50 -13.36 16.57 -4.71
N ARG B 51 -14.37 16.27 -3.88
CA ARG B 51 -14.96 17.26 -2.98
C ARG B 51 -15.02 16.64 -1.59
N LEU B 52 -14.59 17.38 -0.58
CA LEU B 52 -14.83 16.99 0.80
C LEU B 52 -16.31 17.21 1.13
N ILE B 53 -17.06 16.18 1.47
N ILE B 53 -17.04 16.12 1.43
CA ILE B 53 -18.48 16.38 1.85
CA ILE B 53 -18.48 16.10 1.81
C ILE B 53 -18.62 16.60 3.33
C ILE B 53 -18.67 16.48 3.28
N GLU B 54 -17.87 15.86 4.16
CA GLU B 54 -18.02 16.03 5.61
C GLU B 54 -16.84 15.38 6.30
N LYS B 55 -16.64 15.72 7.56
CA LYS B 55 -15.64 15.16 8.40
C LYS B 55 -16.27 14.96 9.77
N TYR B 56 -15.83 13.95 10.48
CA TYR B 56 -16.32 13.72 11.82
C TYR B 56 -15.24 13.04 12.64
N SER B 57 -15.38 13.14 13.95
N SER B 57 -15.32 13.18 13.95
CA SER B 57 -14.47 12.52 14.89
CA SER B 57 -14.35 12.59 14.85
C SER B 57 -14.47 11.01 14.73
C SER B 57 -14.44 11.06 14.81
N ASN B 58 -13.30 10.40 14.72
CA ASN B 58 -13.22 8.95 14.53
C ASN B 58 -13.81 8.23 15.77
N PRO B 59 -14.89 7.45 15.63
CA PRO B 59 -15.47 6.78 16.82
C PRO B 59 -14.56 5.70 17.38
N ALA B 60 -13.58 5.23 16.62
CA ALA B 60 -12.58 4.30 17.14
C ALA B 60 -12.00 4.82 18.41
N LEU B 61 -11.79 6.12 18.55
CA LEU B 61 -11.09 6.66 19.70
C LEU B 61 -11.87 6.51 20.98
N ASN B 62 -13.18 6.32 20.90
CA ASN B 62 -14.00 6.07 22.06
C ASN B 62 -14.24 4.62 22.38
N ALA B 63 -13.85 3.74 21.48
CA ALA B 63 -14.03 2.31 21.70
C ALA B 63 -12.85 1.78 22.53
N THR B 64 -13.15 0.85 23.39
CA THR B 64 -12.11 0.13 24.15
C THR B 64 -11.49 -0.97 23.31
N ALA B 65 -12.29 -1.74 22.58
CA ALA B 65 -11.87 -2.85 21.76
C ALA B 65 -12.49 -2.62 20.37
N ALA B 66 -12.05 -3.42 19.41
CA ALA B 66 -12.64 -3.37 18.06
C ALA B 66 -12.66 -1.96 17.48
N ARG B 67 -11.60 -1.22 17.76
CA ARG B 67 -11.57 0.20 17.39
C ARG B 67 -11.71 0.37 15.91
N GLY B 68 -10.93 -0.39 15.16
CA GLY B 68 -10.96 -0.26 13.69
C GLY B 68 -12.34 -0.61 13.19
N VAL B 69 -12.95 -1.67 13.73
CA VAL B 69 -14.29 -2.07 13.30
C VAL B 69 -15.31 -0.97 13.47
N PHE B 70 -15.24 -0.22 14.58
CA PHE B 70 -16.16 0.87 14.79
C PHE B 70 -15.95 2.03 13.86
N MSE B 71 -14.72 2.30 13.47
CA MSE B 71 -14.50 3.29 12.41
C MSE B 71 -15.19 2.84 11.12
O MSE B 71 -15.85 3.58 10.45
CB MSE B 71 -13.03 3.51 12.20
CG MSE B 71 -12.70 4.57 11.15
SE MSE B 71 -12.41 3.78 9.39
CE MSE B 71 -12.61 5.37 8.24
N LEU B 72 -14.97 1.58 10.76
CA LEU B 72 -15.45 1.03 9.49
C LEU B 72 -16.97 1.01 9.47
N LYS B 73 -17.59 0.65 10.58
CA LYS B 73 -19.04 0.71 10.73
C LYS B 73 -19.53 2.12 10.50
N SER B 74 -18.84 3.11 11.06
CA SER B 74 -19.27 4.52 10.87
C SER B 74 -19.18 4.90 9.41
N ALA B 75 -18.13 4.46 8.71
CA ALA B 75 -18.01 4.77 7.30
C ALA B 75 -19.18 4.26 6.48
N LEU B 76 -19.61 3.04 6.80
CA LEU B 76 -20.77 2.40 6.18
C LEU B 76 -22.00 3.28 6.41
N ASP B 77 -22.16 3.72 7.65
CA ASP B 77 -23.30 4.56 8.00
C ASP B 77 -23.31 5.87 7.21
N HIS B 78 -22.13 6.43 6.92
CA HIS B 78 -21.99 7.61 6.14
C HIS B 78 -22.05 7.37 4.65
N GLY B 79 -22.37 6.15 4.21
CA GLY B 79 -22.58 5.94 2.81
C GLY B 79 -21.33 5.80 2.00
N ALA B 80 -20.20 5.53 2.63
CA ALA B 80 -18.99 5.28 1.88
C ALA B 80 -19.10 4.08 0.95
N ASN B 81 -18.49 4.18 -0.23
CA ASN B 81 -18.36 3.10 -1.18
C ASN B 81 -16.99 2.43 -1.08
N ALA B 82 -16.02 3.15 -0.53
CA ALA B 82 -14.66 2.65 -0.44
C ALA B 82 -14.00 3.33 0.71
N LEU B 83 -12.97 2.66 1.21
N LEU B 83 -13.03 2.63 1.29
CA LEU B 83 -12.13 3.11 2.31
CA LEU B 83 -12.18 3.06 2.41
C LEU B 83 -10.71 3.41 1.85
C LEU B 83 -10.74 3.35 1.94
N VAL B 84 -10.09 4.38 2.52
CA VAL B 84 -8.69 4.70 2.25
C VAL B 84 -8.01 4.75 3.63
N LEU B 85 -7.09 3.80 3.86
CA LEU B 85 -6.46 3.53 5.16
C LEU B 85 -5.00 3.24 4.96
N SER B 86 -4.22 3.35 6.04
CA SER B 86 -2.84 2.96 5.97
C SER B 86 -2.61 1.51 6.40
N GLU B 87 -3.64 0.86 6.89
N GLU B 87 -3.63 0.86 6.91
CA GLU B 87 -3.54 -0.49 7.43
CA GLU B 87 -3.53 -0.48 7.48
C GLU B 87 -4.95 -0.99 7.76
C GLU B 87 -4.97 -1.00 7.72
N ILE B 88 -5.13 -2.31 7.84
CA ILE B 88 -6.42 -2.84 8.28
C ILE B 88 -6.13 -4.20 8.89
N GLY B 89 -6.80 -4.50 10.02
CA GLY B 89 -6.69 -5.78 10.66
C GLY B 89 -7.70 -6.82 10.18
N SER B 90 -7.61 -8.04 10.70
CA SER B 90 -8.47 -9.09 10.25
C SER B 90 -9.92 -8.89 10.61
N PRO B 91 -10.25 -8.54 11.87
CA PRO B 91 -11.67 -8.31 12.12
C PRO B 91 -12.28 -7.20 11.26
N GLY B 92 -11.54 -6.15 11.06
CA GLY B 92 -12.01 -5.04 10.23
C GLY B 92 -12.19 -5.46 8.78
N PHE B 93 -11.18 -6.14 8.25
CA PHE B 93 -11.26 -6.65 6.86
C PHE B 93 -12.45 -7.60 6.70
N ASN B 94 -12.65 -8.49 7.67
CA ASN B 94 -13.79 -9.40 7.58
C ASN B 94 -15.12 -8.69 7.61
N PHE B 95 -15.21 -7.66 8.43
CA PHE B 95 -16.44 -6.88 8.51
C PHE B 95 -16.81 -6.20 7.21
N ILE B 96 -15.83 -5.64 6.51
N ILE B 96 -15.80 -5.73 6.50
CA ILE B 96 -16.14 -4.81 5.34
CA ILE B 96 -15.95 -4.78 5.42
C ILE B 96 -16.06 -5.53 3.99
C ILE B 96 -15.93 -5.45 4.03
N LYS B 97 -15.30 -6.63 3.94
CA LYS B 97 -14.76 -7.10 2.65
C LYS B 97 -15.79 -7.28 1.50
N ASN B 98 -17.02 -7.68 1.85
CA ASN B 98 -18.12 -7.70 0.87
C ASN B 98 -19.10 -6.49 0.85
N LYS B 99 -18.72 -5.39 1.50
N LYS B 99 -18.73 -5.43 1.56
CA LYS B 99 -19.55 -4.15 1.64
CA LYS B 99 -19.52 -4.19 1.64
C LYS B 99 -18.92 -2.83 1.12
C LYS B 99 -18.86 -2.99 0.92
N MSE B 100 -17.60 -2.71 1.25
CA MSE B 100 -16.84 -1.55 0.70
C MSE B 100 -15.46 -2.09 0.23
O MSE B 100 -14.92 -3.00 0.85
CB MSE B 100 -16.64 -0.48 1.75
CG MSE B 100 -17.76 0.69 1.92
SE MSE B 100 -17.73 1.43 3.86
CE MSE B 100 -17.42 -0.03 5.06
N ASP B 101 -14.92 -1.60 -0.88
CA ASP B 101 -13.49 -1.84 -1.20
C ASP B 101 -12.61 -1.09 -0.22
N VAL B 102 -11.46 -1.65 0.13
N VAL B 102 -11.40 -1.62 -0.05
CA VAL B 102 -10.46 -0.91 0.94
CA VAL B 102 -10.39 -1.08 0.86
C VAL B 102 -9.16 -0.77 0.14
C VAL B 102 -9.15 -0.79 0.05
N TYR B 103 -8.68 0.45 0.11
CA TYR B 103 -7.40 0.85 -0.52
C TYR B 103 -6.44 1.17 0.59
N ILE B 104 -5.39 0.36 0.65
CA ILE B 104 -4.30 0.59 1.61
C ILE B 104 -3.21 1.40 0.94
N VAL B 105 -2.84 2.51 1.55
CA VAL B 105 -1.89 3.47 1.01
C VAL B 105 -0.84 3.81 2.07
N PRO B 106 0.32 4.32 1.63
CA PRO B 106 1.26 4.95 2.55
C PRO B 106 0.62 6.04 3.39
N GLU B 107 1.28 6.36 4.49
CA GLU B 107 0.86 7.47 5.37
C GLU B 107 1.22 8.79 4.68
N MSE B 108 0.36 9.26 3.81
CA MSE B 108 0.66 10.31 2.86
C MSE B 108 -0.52 11.29 2.80
O MSE B 108 -1.59 11.00 3.30
CB MSE B 108 0.97 9.72 1.48
CG MSE B 108 -0.23 9.16 0.82
SE MSE B 108 0.19 8.09 -0.76
CE MSE B 108 0.92 9.44 -1.91
N PRO B 109 -0.31 12.47 2.17
CA PRO B 109 -1.39 13.44 2.06
C PRO B 109 -2.61 12.85 1.36
N VAL B 110 -3.79 13.20 1.88
CA VAL B 110 -5.01 12.65 1.41
C VAL B 110 -5.22 12.78 -0.10
N ALA B 111 -5.01 13.97 -0.62
CA ALA B 111 -5.25 14.20 -2.06
C ALA B 111 -4.35 13.38 -2.91
N ASP B 112 -3.09 13.23 -2.47
CA ASP B 112 -2.11 12.47 -3.23
C ASP B 112 -2.46 10.97 -3.26
N ALA B 113 -3.01 10.47 -2.16
CA ALA B 113 -3.49 9.09 -2.08
C ALA B 113 -4.70 8.90 -3.00
N LEU B 114 -5.63 9.83 -2.94
CA LEU B 114 -6.83 9.69 -3.73
C LEU B 114 -6.46 9.75 -5.25
N LYS B 115 -5.48 10.55 -5.64
CA LYS B 115 -5.06 10.58 -7.03
C LYS B 115 -4.58 9.22 -7.50
N LEU B 116 -3.67 8.62 -6.69
CA LEU B 116 -3.20 7.29 -7.03
C LEU B 116 -4.28 6.27 -7.19
N ILE B 117 -5.21 6.27 -6.23
CA ILE B 117 -6.34 5.36 -6.25
C ILE B 117 -7.19 5.55 -7.50
N LEU B 118 -7.54 6.81 -7.78
CA LEU B 118 -8.45 7.08 -8.91
C LEU B 118 -7.80 6.79 -10.23
N GLU B 119 -6.47 6.84 -10.29
CA GLU B 119 -5.72 6.56 -11.51
C GLU B 119 -5.31 5.08 -11.63
N GLY B 120 -5.83 4.23 -10.78
CA GLY B 120 -5.67 2.79 -10.90
C GLY B 120 -4.34 2.24 -10.40
N LYS B 121 -3.66 2.96 -9.54
N LYS B 121 -3.65 2.99 -9.55
CA LYS B 121 -2.34 2.57 -9.11
CA LYS B 121 -2.31 2.62 -9.04
C LYS B 121 -2.32 1.83 -7.79
C LYS B 121 -2.32 1.87 -7.73
N VAL B 122 -3.48 1.64 -7.17
CA VAL B 122 -3.66 0.93 -5.90
C VAL B 122 -4.78 -0.08 -6.05
N SER B 123 -4.47 -1.35 -6.15
CA SER B 123 -5.53 -2.36 -6.22
C SER B 123 -6.20 -2.53 -4.87
N PRO B 124 -7.49 -2.77 -4.85
CA PRO B 124 -8.17 -2.99 -3.59
C PRO B 124 -7.57 -4.17 -2.81
N ALA B 125 -7.52 -4.05 -1.51
CA ALA B 125 -6.93 -5.11 -0.68
C ALA B 125 -7.77 -6.37 -0.75
N THR B 126 -7.11 -7.52 -0.74
CA THR B 126 -7.76 -8.81 -0.67
C THR B 126 -7.45 -9.57 0.59
N ALA B 127 -6.74 -8.92 1.49
CA ALA B 127 -6.34 -9.51 2.77
C ALA B 127 -6.06 -8.37 3.74
N PRO B 128 -6.18 -8.61 5.04
CA PRO B 128 -5.71 -7.60 5.99
C PRO B 128 -4.20 -7.40 5.92
N THR B 129 -3.75 -6.26 6.38
CA THR B 129 -2.32 -5.97 6.42
C THR B 129 -1.69 -6.46 7.70
N HIS B 130 -2.49 -6.63 8.76
CA HIS B 130 -1.99 -7.29 9.96
C HIS B 130 -3.05 -8.26 10.47
N ASP B 131 -2.61 -9.35 11.09
CA ASP B 131 -3.52 -10.45 11.49
C ASP B 131 -2.88 -11.32 12.56
N HIS B 132 -3.48 -11.29 13.76
CA HIS B 132 -3.03 -12.10 14.90
C HIS B 132 -4.21 -12.92 15.39
N GLY B 133 -5.01 -13.43 14.44
CA GLY B 133 -6.02 -14.44 14.74
C GLY B 133 -5.35 -15.80 14.64
#